data_2NCK
#
_entry.id   2NCK
#
_cell.length_a   63.500
_cell.length_b   63.500
_cell.length_c   158.000
_cell.angle_alpha   90.00
_cell.angle_beta   90.00
_cell.angle_gamma   90.00
#
_symmetry.space_group_name_H-M   'P 43 21 2'
#
loop_
_entity.id
_entity.type
_entity.pdbx_description
1 polymer 'NUCLEOSIDE DIPHOSPHATE KINASE'
2 water water
#
_entity_poly.entity_id   1
_entity_poly.type   'polypeptide(L)'
_entity_poly.pdbx_seq_one_letter_code
;AIERTLSIIKPDGLEKGVIGKIISRFEEKGLKPVAIRLQHLSQAQAEGFYAVHKARPFFKDLVQFMISGPVVLMVLEGEN
AVLANRDIMGATNPAQAAEGTIRKDFATSIDKNTVHGSDSLENAKIEIAYFFRETEIHSYPYQK
;
_entity_poly.pdbx_strand_id   R,L
#
# COMPACT_ATOMS: atom_id res chain seq x y z
N ALA A 1 -9.15 14.30 18.72
CA ALA A 1 -9.36 12.87 18.86
C ALA A 1 -8.80 12.06 17.69
N ILE A 2 -8.01 11.04 18.00
CA ILE A 2 -7.43 10.16 16.98
C ILE A 2 -8.57 9.31 16.44
N GLU A 3 -8.81 9.38 15.14
CA GLU A 3 -9.88 8.62 14.50
C GLU A 3 -9.31 7.78 13.38
N ARG A 4 -10.13 6.86 12.89
CA ARG A 4 -9.77 5.99 11.78
C ARG A 4 -10.84 6.19 10.71
N THR A 5 -10.41 6.30 9.47
CA THR A 5 -11.33 6.51 8.36
C THR A 5 -10.91 5.62 7.19
N LEU A 6 -11.85 5.30 6.32
CA LEU A 6 -11.55 4.47 5.16
C LEU A 6 -11.20 5.32 3.94
N SER A 7 -10.18 4.87 3.24
CA SER A 7 -9.72 5.51 2.03
C SER A 7 -9.61 4.40 0.99
N ILE A 8 -10.05 4.70 -0.23
CA ILE A 8 -9.95 3.72 -1.30
C ILE A 8 -9.39 4.44 -2.50
N ILE A 9 -8.33 3.87 -3.07
CA ILE A 9 -7.74 4.43 -4.26
C ILE A 9 -8.49 3.67 -5.34
N LYS A 10 -9.29 4.40 -6.10
CA LYS A 10 -10.13 3.85 -7.17
C LYS A 10 -9.28 3.32 -8.34
N PRO A 11 -9.89 2.52 -9.23
CA PRO A 11 -9.17 1.95 -10.38
C PRO A 11 -8.30 2.89 -11.19
N ASP A 12 -8.78 4.10 -11.47
CA ASP A 12 -8.00 5.07 -12.25
C ASP A 12 -6.69 5.47 -11.56
N GLY A 13 -6.65 5.41 -10.24
CA GLY A 13 -5.43 5.75 -9.53
C GLY A 13 -4.33 4.73 -9.78
N LEU A 14 -4.70 3.46 -9.86
CA LEU A 14 -3.73 2.40 -10.10
C LEU A 14 -3.26 2.47 -11.54
N GLU A 15 -4.21 2.65 -12.47
CA GLU A 15 -3.88 2.75 -13.89
C GLU A 15 -2.91 3.89 -14.20
N LYS A 16 -2.98 4.98 -13.43
CA LYS A 16 -2.08 6.11 -13.63
C LYS A 16 -0.76 5.88 -12.92
N GLY A 17 -0.67 4.81 -12.15
CA GLY A 17 0.55 4.49 -11.42
C GLY A 17 0.92 5.50 -10.36
N VAL A 18 -0.08 6.01 -9.65
CA VAL A 18 0.17 7.01 -8.61
C VAL A 18 -0.21 6.58 -7.19
N ILE A 19 -0.15 5.27 -6.94
CA ILE A 19 -0.47 4.74 -5.61
C ILE A 19 0.43 5.38 -4.57
N GLY A 20 1.73 5.38 -4.85
CA GLY A 20 2.71 5.95 -3.93
C GLY A 20 2.51 7.42 -3.66
N LYS A 21 2.24 8.19 -4.72
CA LYS A 21 2.02 9.63 -4.60
C LYS A 21 0.81 9.92 -3.75
N ILE A 22 -0.24 9.13 -3.91
CA ILE A 22 -1.46 9.32 -3.14
C ILE A 22 -1.21 9.01 -1.66
N ILE A 23 -0.57 7.87 -1.38
CA ILE A 23 -0.25 7.50 -0.01
C ILE A 23 0.64 8.58 0.61
N SER A 24 1.59 9.10 -0.16
CA SER A 24 2.47 10.15 0.35
C SER A 24 1.67 11.40 0.78
N ARG A 25 0.62 11.75 0.04
CA ARG A 25 -0.22 12.91 0.36
C ARG A 25 -0.79 12.76 1.77
N PHE A 26 -1.18 11.55 2.13
CA PHE A 26 -1.74 11.29 3.44
C PHE A 26 -0.64 11.29 4.51
N GLU A 27 0.45 10.60 4.22
CA GLU A 27 1.56 10.51 5.17
C GLU A 27 2.14 11.86 5.53
N GLU A 28 2.32 12.72 4.52
CA GLU A 28 2.88 14.04 4.75
C GLU A 28 1.93 14.90 5.58
N LYS A 29 0.63 14.58 5.53
CA LYS A 29 -0.34 15.34 6.31
C LYS A 29 -0.65 14.72 7.67
N GLY A 30 0.10 13.70 8.07
CA GLY A 30 -0.14 13.08 9.36
C GLY A 30 -1.23 12.03 9.39
N LEU A 31 -1.69 11.59 8.22
CA LEU A 31 -2.70 10.53 8.18
C LEU A 31 -1.93 9.24 7.96
N LYS A 32 -1.82 8.48 9.03
CA LYS A 32 -1.07 7.23 9.04
C LYS A 32 -1.82 6.01 8.52
N PRO A 33 -1.32 5.38 7.45
CA PRO A 33 -1.98 4.19 6.89
C PRO A 33 -1.73 3.04 7.87
N VAL A 34 -2.80 2.57 8.51
CA VAL A 34 -2.66 1.48 9.48
C VAL A 34 -3.25 0.16 8.98
N ALA A 35 -3.78 0.18 7.76
CA ALA A 35 -4.34 -1.00 7.11
C ALA A 35 -4.30 -0.70 5.62
N ILE A 36 -3.85 -1.66 4.82
CA ILE A 36 -3.75 -1.49 3.37
C ILE A 36 -3.92 -2.86 2.73
N ARG A 37 -4.72 -2.93 1.68
CA ARG A 37 -4.92 -4.19 0.97
C ARG A 37 -5.38 -3.94 -0.46
N LEU A 38 -4.60 -4.42 -1.42
CA LEU A 38 -4.96 -4.28 -2.82
C LEU A 38 -5.97 -5.40 -3.06
N GLN A 39 -7.10 -5.06 -3.66
CA GLN A 39 -8.15 -6.05 -3.90
C GLN A 39 -8.97 -5.71 -5.13
N HIS A 40 -9.53 -6.72 -5.79
CA HIS A 40 -10.39 -6.45 -6.93
C HIS A 40 -11.79 -6.77 -6.43
N LEU A 41 -12.59 -5.73 -6.28
CA LEU A 41 -13.96 -5.88 -5.79
C LEU A 41 -14.89 -6.60 -6.75
N SER A 42 -15.80 -7.38 -6.19
CA SER A 42 -16.80 -8.07 -7.00
C SER A 42 -18.01 -7.14 -7.01
N GLN A 43 -18.93 -7.37 -7.93
CA GLN A 43 -20.14 -6.55 -8.02
C GLN A 43 -20.90 -6.58 -6.71
N ALA A 44 -21.01 -7.75 -6.11
CA ALA A 44 -21.69 -7.92 -4.84
C ALA A 44 -21.06 -7.03 -3.76
N GLN A 45 -19.73 -7.00 -3.74
CA GLN A 45 -19.00 -6.19 -2.76
C GLN A 45 -19.23 -4.70 -2.95
N ALA A 46 -19.12 -4.22 -4.18
CA ALA A 46 -19.32 -2.80 -4.47
C ALA A 46 -20.74 -2.35 -4.13
N GLU A 47 -21.72 -3.15 -4.54
CA GLU A 47 -23.13 -2.86 -4.28
C GLU A 47 -23.41 -2.81 -2.79
N GLY A 48 -22.87 -3.78 -2.06
CA GLY A 48 -23.07 -3.82 -0.62
C GLY A 48 -22.44 -2.62 0.03
N PHE A 49 -21.29 -2.21 -0.49
CA PHE A 49 -20.56 -1.07 0.05
C PHE A 49 -21.30 0.26 -0.18
N TYR A 50 -21.89 0.42 -1.36
CA TYR A 50 -22.61 1.64 -1.71
C TYR A 50 -24.15 1.53 -1.55
N ALA A 51 -24.60 0.50 -0.85
CA ALA A 51 -26.02 0.23 -0.64
C ALA A 51 -26.91 1.44 -0.30
N VAL A 52 -26.49 2.27 0.65
CA VAL A 52 -27.30 3.44 1.01
C VAL A 52 -27.56 4.40 -0.14
N HIS A 53 -26.88 4.20 -1.27
CA HIS A 53 -27.06 5.06 -2.43
C HIS A 53 -27.68 4.31 -3.60
N LYS A 54 -28.27 3.15 -3.33
CA LYS A 54 -28.86 2.35 -4.41
C LYS A 54 -29.98 3.03 -5.19
N ALA A 55 -30.60 4.05 -4.60
CA ALA A 55 -31.69 4.77 -5.25
C ALA A 55 -31.20 5.94 -6.11
N ARG A 56 -29.92 6.28 -6.00
CA ARG A 56 -29.36 7.40 -6.75
C ARG A 56 -29.10 6.97 -8.21
N PRO A 57 -29.28 7.91 -9.16
CA PRO A 57 -29.06 7.64 -10.58
C PRO A 57 -27.64 7.20 -10.94
N PHE A 58 -26.67 7.63 -10.13
CA PHE A 58 -25.28 7.28 -10.39
C PHE A 58 -24.86 5.88 -9.95
N PHE A 59 -25.66 5.29 -9.04
CA PHE A 59 -25.37 3.98 -8.50
C PHE A 59 -24.78 2.95 -9.46
N LYS A 60 -25.53 2.56 -10.49
CA LYS A 60 -25.04 1.56 -11.43
C LYS A 60 -23.71 1.84 -12.11
N ASP A 61 -23.49 3.09 -12.53
CA ASP A 61 -22.23 3.43 -13.18
C ASP A 61 -21.10 3.36 -12.16
N LEU A 62 -21.39 3.86 -10.97
CA LEU A 62 -20.43 3.86 -9.86
C LEU A 62 -19.94 2.43 -9.60
N VAL A 63 -20.86 1.50 -9.46
CA VAL A 63 -20.54 0.10 -9.22
C VAL A 63 -19.69 -0.50 -10.34
N GLN A 64 -20.03 -0.22 -11.59
CA GLN A 64 -19.26 -0.77 -12.69
C GLN A 64 -17.84 -0.25 -12.74
N PHE A 65 -17.66 1.04 -12.44
CA PHE A 65 -16.32 1.62 -12.44
C PHE A 65 -15.50 1.02 -11.31
N MET A 66 -16.12 0.91 -10.14
CA MET A 66 -15.44 0.37 -8.96
C MET A 66 -15.02 -1.10 -9.06
N ILE A 67 -15.57 -1.82 -10.05
CA ILE A 67 -15.19 -3.22 -10.24
C ILE A 67 -14.46 -3.41 -11.56
N SER A 68 -14.18 -2.33 -12.27
CA SER A 68 -13.49 -2.41 -13.55
C SER A 68 -12.00 -2.73 -13.44
N GLY A 69 -11.45 -2.59 -12.23
CA GLY A 69 -10.04 -2.89 -12.03
C GLY A 69 -9.78 -2.98 -10.55
N PRO A 70 -8.58 -3.39 -10.11
CA PRO A 70 -8.38 -3.46 -8.66
C PRO A 70 -8.26 -2.07 -8.01
N VAL A 71 -8.49 -2.04 -6.70
CA VAL A 71 -8.43 -0.81 -5.94
C VAL A 71 -7.51 -1.08 -4.75
N VAL A 72 -7.09 -0.02 -4.07
CA VAL A 72 -6.26 -0.18 -2.88
C VAL A 72 -7.09 0.31 -1.69
N LEU A 73 -7.42 -0.61 -0.79
CA LEU A 73 -8.21 -0.30 0.41
C LEU A 73 -7.28 0.11 1.53
N MET A 74 -7.63 1.17 2.26
CA MET A 74 -6.78 1.65 3.36
C MET A 74 -7.57 2.24 4.51
N VAL A 75 -6.99 2.15 5.71
CA VAL A 75 -7.58 2.76 6.89
C VAL A 75 -6.52 3.77 7.31
N LEU A 76 -6.92 5.03 7.41
CA LEU A 76 -6.02 6.10 7.79
C LEU A 76 -6.31 6.47 9.23
N GLU A 77 -5.27 6.73 10.01
CA GLU A 77 -5.43 7.07 11.41
C GLU A 77 -4.78 8.41 11.70
N GLY A 78 -5.46 9.23 12.51
CA GLY A 78 -4.90 10.53 12.85
C GLY A 78 -5.92 11.40 13.57
N GLU A 79 -5.49 12.56 14.02
CA GLU A 79 -6.38 13.49 14.69
C GLU A 79 -7.35 14.01 13.66
N ASN A 80 -8.64 13.91 13.93
CA ASN A 80 -9.68 14.39 13.02
C ASN A 80 -9.45 13.85 11.62
N ALA A 81 -9.05 12.59 11.56
CA ALA A 81 -8.75 11.91 10.31
C ALA A 81 -9.88 11.94 9.28
N VAL A 82 -11.12 11.75 9.73
CA VAL A 82 -12.25 11.75 8.81
C VAL A 82 -12.33 13.04 7.99
N LEU A 83 -12.28 14.18 8.69
CA LEU A 83 -12.35 15.47 8.02
C LEU A 83 -11.06 15.77 7.27
N ALA A 84 -9.91 15.50 7.89
CA ALA A 84 -8.63 15.75 7.27
C ALA A 84 -8.52 15.00 5.95
N ASN A 85 -9.03 13.78 5.94
CA ASN A 85 -9.02 12.93 4.74
C ASN A 85 -9.82 13.63 3.64
N ARG A 86 -11.01 14.12 3.97
CA ARG A 86 -11.84 14.81 2.99
C ARG A 86 -11.19 16.08 2.45
N ASP A 87 -10.43 16.76 3.29
CA ASP A 87 -9.73 17.98 2.88
C ASP A 87 -8.66 17.63 1.85
N ILE A 88 -7.91 16.58 2.13
CA ILE A 88 -6.82 16.14 1.26
C ILE A 88 -7.32 15.59 -0.08
N MET A 89 -8.49 14.97 -0.08
CA MET A 89 -9.05 14.43 -1.31
C MET A 89 -9.51 15.56 -2.21
N GLY A 90 -10.16 16.55 -1.61
CA GLY A 90 -10.66 17.68 -2.37
C GLY A 90 -12.09 17.45 -2.83
N ALA A 91 -12.69 18.45 -3.47
CA ALA A 91 -14.07 18.34 -3.97
C ALA A 91 -14.22 17.16 -4.93
N THR A 92 -15.41 16.54 -4.89
CA THR A 92 -15.71 15.40 -5.75
C THR A 92 -15.49 15.71 -7.22
N ASN A 93 -15.75 16.96 -7.61
CA ASN A 93 -15.56 17.38 -8.99
C ASN A 93 -14.18 18.02 -9.05
N PRO A 94 -13.24 17.38 -9.76
CA PRO A 94 -11.84 17.81 -9.94
C PRO A 94 -11.70 19.27 -10.40
N ALA A 95 -12.59 19.73 -11.26
CA ALA A 95 -12.54 21.10 -11.78
C ALA A 95 -12.85 22.09 -10.66
N GLN A 96 -13.57 21.61 -9.65
CA GLN A 96 -13.97 22.41 -8.50
C GLN A 96 -13.03 22.15 -7.30
N ALA A 97 -12.12 21.20 -7.45
CA ALA A 97 -11.19 20.83 -6.38
C ALA A 97 -10.11 21.88 -6.10
N ALA A 98 -9.80 22.05 -4.82
CA ALA A 98 -8.79 23.01 -4.39
C ALA A 98 -7.37 22.62 -4.79
N GLU A 99 -6.50 23.62 -4.77
CA GLU A 99 -5.11 23.44 -5.12
C GLU A 99 -4.39 22.51 -4.14
N GLY A 100 -3.64 21.56 -4.68
CA GLY A 100 -2.88 20.63 -3.85
C GLY A 100 -3.59 19.38 -3.37
N THR A 101 -4.84 19.21 -3.77
CA THR A 101 -5.60 18.04 -3.36
C THR A 101 -5.37 16.90 -4.35
N ILE A 102 -5.71 15.69 -3.92
CA ILE A 102 -5.55 14.50 -4.74
C ILE A 102 -6.39 14.58 -6.01
N ARG A 103 -7.66 14.95 -5.87
CA ARG A 103 -8.54 15.02 -7.03
C ARG A 103 -8.13 16.10 -8.02
N LYS A 104 -7.62 17.22 -7.51
CA LYS A 104 -7.19 18.31 -8.38
C LYS A 104 -5.98 17.87 -9.19
N ASP A 105 -5.05 17.17 -8.54
CA ASP A 105 -3.84 16.72 -9.21
C ASP A 105 -3.94 15.44 -10.00
N PHE A 106 -4.79 14.51 -9.57
CA PHE A 106 -4.85 13.22 -10.25
C PHE A 106 -6.15 12.77 -10.90
N ALA A 107 -7.29 13.28 -10.45
CA ALA A 107 -8.57 12.86 -11.00
C ALA A 107 -8.79 13.18 -12.47
N THR A 108 -9.63 12.39 -13.13
CA THR A 108 -9.94 12.60 -14.53
C THR A 108 -11.25 13.36 -14.67
N SER A 109 -12.27 12.90 -13.94
CA SER A 109 -13.59 13.51 -14.01
C SER A 109 -14.33 13.22 -12.71
N ILE A 110 -15.54 13.74 -12.60
CA ILE A 110 -16.36 13.51 -11.41
C ILE A 110 -16.60 12.01 -11.25
N ASP A 111 -16.71 11.32 -12.39
CA ASP A 111 -16.95 9.88 -12.40
C ASP A 111 -15.69 9.07 -12.09
N LYS A 112 -14.55 9.56 -12.57
CA LYS A 112 -13.27 8.89 -12.31
C LYS A 112 -12.47 9.83 -11.43
N ASN A 113 -12.90 9.96 -10.18
CA ASN A 113 -12.22 10.87 -9.27
C ASN A 113 -11.18 10.31 -8.29
N THR A 114 -10.50 9.24 -8.71
CA THR A 114 -9.38 8.65 -7.99
C THR A 114 -9.43 8.10 -6.55
N VAL A 115 -10.16 8.75 -5.64
CA VAL A 115 -10.21 8.30 -4.26
C VAL A 115 -11.59 8.38 -3.64
N HIS A 116 -11.79 7.54 -2.63
CA HIS A 116 -13.01 7.51 -1.86
C HIS A 116 -12.56 7.76 -0.43
N GLY A 117 -13.44 8.40 0.35
CA GLY A 117 -13.11 8.67 1.75
C GLY A 117 -14.43 8.66 2.51
N SER A 118 -14.43 8.08 3.70
CA SER A 118 -15.66 8.04 4.51
C SER A 118 -16.16 9.46 4.71
N ASP A 119 -17.46 9.65 4.63
CA ASP A 119 -18.01 11.00 4.79
C ASP A 119 -18.19 11.44 6.24
N SER A 120 -18.30 10.48 7.15
CA SER A 120 -18.50 10.79 8.56
C SER A 120 -17.91 9.70 9.45
N LEU A 121 -17.78 9.99 10.73
CA LEU A 121 -17.26 9.04 11.72
C LEU A 121 -18.18 7.82 11.76
N GLU A 122 -19.48 8.10 11.72
CA GLU A 122 -20.51 7.07 11.75
C GLU A 122 -20.30 6.09 10.60
N ASN A 123 -20.11 6.63 9.39
CA ASN A 123 -19.90 5.78 8.23
C ASN A 123 -18.52 5.14 8.18
N ALA A 124 -17.52 5.82 8.74
CA ALA A 124 -16.16 5.29 8.74
C ALA A 124 -16.15 3.96 9.46
N LYS A 125 -16.85 3.89 10.59
CA LYS A 125 -16.93 2.65 11.37
C LYS A 125 -17.51 1.48 10.59
N ILE A 126 -18.52 1.78 9.78
CA ILE A 126 -19.16 0.79 8.94
C ILE A 126 -18.29 0.36 7.75
N GLU A 127 -17.74 1.35 7.04
CA GLU A 127 -16.89 1.09 5.88
C GLU A 127 -15.64 0.29 6.25
N ILE A 128 -15.04 0.63 7.38
CA ILE A 128 -13.84 -0.07 7.84
C ILE A 128 -14.18 -1.52 8.19
N ALA A 129 -15.25 -1.72 8.96
CA ALA A 129 -15.68 -3.06 9.37
C ALA A 129 -16.05 -3.94 8.18
N TYR A 130 -16.47 -3.28 7.10
CA TYR A 130 -16.88 -3.96 5.87
C TYR A 130 -15.69 -4.59 5.17
N PHE A 131 -14.56 -3.88 5.15
CA PHE A 131 -13.36 -4.37 4.47
C PHE A 131 -12.21 -4.90 5.32
N PHE A 132 -12.22 -4.67 6.63
CA PHE A 132 -11.12 -5.12 7.48
C PHE A 132 -11.55 -5.71 8.81
N ARG A 133 -10.81 -6.72 9.27
CA ARG A 133 -11.07 -7.31 10.58
C ARG A 133 -10.25 -6.37 11.47
N GLU A 134 -10.56 -6.29 12.76
CA GLU A 134 -9.75 -5.43 13.62
C GLU A 134 -8.30 -5.94 13.65
N THR A 135 -8.12 -7.26 13.47
CA THR A 135 -6.78 -7.86 13.47
C THR A 135 -5.97 -7.54 12.22
N GLU A 136 -6.55 -6.79 11.29
CA GLU A 136 -5.83 -6.40 10.07
C GLU A 136 -5.40 -4.95 10.13
N ILE A 137 -5.72 -4.27 11.23
CA ILE A 137 -5.38 -2.86 11.41
C ILE A 137 -4.30 -2.78 12.47
N HIS A 138 -3.19 -2.13 12.15
CA HIS A 138 -2.06 -2.03 13.07
C HIS A 138 -1.44 -0.67 13.15
N SER A 139 -1.57 -0.04 14.32
CA SER A 139 -0.98 1.28 14.50
C SER A 139 0.50 1.05 14.80
N TYR A 140 1.30 2.09 14.61
CA TYR A 140 2.73 2.00 14.86
C TYR A 140 3.21 3.42 15.11
N PRO A 141 4.32 3.56 15.83
CA PRO A 141 4.79 4.94 16.09
C PRO A 141 5.52 5.54 14.90
N TYR A 142 5.48 6.87 14.81
CA TYR A 142 6.18 7.59 13.77
C TYR A 142 7.44 8.06 14.48
N GLN A 143 8.61 7.67 13.95
CA GLN A 143 9.89 8.04 14.53
C GLN A 143 11.01 7.90 13.47
N LYS A 144 11.83 8.94 13.39
CA LYS A 144 12.95 9.05 12.45
C LYS A 144 12.62 9.28 10.99
N ALA B 1 12.17 -11.20 -19.28
CA ALA B 1 10.79 -10.78 -19.49
C ALA B 1 10.11 -10.38 -18.18
N ILE B 2 8.79 -10.24 -18.25
CA ILE B 2 7.96 -9.87 -17.10
C ILE B 2 8.04 -10.93 -16.01
N GLU B 3 8.35 -10.49 -14.80
CA GLU B 3 8.46 -11.40 -13.66
C GLU B 3 7.71 -10.75 -12.51
N ARG B 4 7.51 -11.52 -11.44
CA ARG B 4 6.85 -11.03 -10.24
C ARG B 4 7.82 -11.36 -9.11
N THR B 5 8.02 -10.40 -8.22
CA THR B 5 8.92 -10.61 -7.10
C THR B 5 8.27 -10.06 -5.84
N LEU B 6 8.77 -10.49 -4.68
CA LEU B 6 8.23 -10.02 -3.43
C LEU B 6 9.06 -8.87 -2.88
N SER B 7 8.37 -7.87 -2.38
CA SER B 7 8.99 -6.71 -1.77
C SER B 7 8.31 -6.56 -0.42
N ILE B 8 9.08 -6.26 0.61
CA ILE B 8 8.52 -6.04 1.94
C ILE B 8 9.08 -4.75 2.46
N ILE B 9 8.21 -3.84 2.88
CA ILE B 9 8.68 -2.60 3.49
C ILE B 9 8.79 -2.94 4.98
N LYS B 10 10.03 -3.03 5.45
CA LYS B 10 10.31 -3.36 6.84
C LYS B 10 9.73 -2.34 7.82
N PRO B 11 9.63 -2.70 9.11
CA PRO B 11 9.08 -1.83 10.17
C PRO B 11 9.57 -0.40 10.19
N ASP B 12 10.86 -0.19 9.93
CA ASP B 12 11.41 1.16 9.94
C ASP B 12 10.86 2.05 8.83
N GLY B 13 10.52 1.44 7.69
CA GLY B 13 9.98 2.20 6.57
C GLY B 13 8.63 2.82 6.95
N LEU B 14 7.81 2.07 7.69
CA LEU B 14 6.51 2.57 8.12
C LEU B 14 6.72 3.65 9.18
N GLU B 15 7.60 3.37 10.14
CA GLU B 15 7.89 4.33 11.21
C GLU B 15 8.41 5.69 10.69
N LYS B 16 9.12 5.65 9.57
CA LYS B 16 9.65 6.87 8.96
C LYS B 16 8.59 7.58 8.10
N GLY B 17 7.44 6.93 7.91
CA GLY B 17 6.38 7.54 7.12
C GLY B 17 6.73 7.72 5.65
N VAL B 18 7.43 6.76 5.07
CA VAL B 18 7.81 6.83 3.67
C VAL B 18 7.28 5.67 2.82
N ILE B 19 6.14 5.11 3.22
CA ILE B 19 5.53 4.01 2.47
C ILE B 19 5.30 4.47 1.03
N GLY B 20 4.71 5.65 0.87
CA GLY B 20 4.42 6.19 -0.45
C GLY B 20 5.65 6.46 -1.30
N LYS B 21 6.68 7.02 -0.68
CA LYS B 21 7.93 7.32 -1.38
C LYS B 21 8.54 6.04 -1.93
N ILE B 22 8.53 4.98 -1.13
CA ILE B 22 9.09 3.71 -1.53
C ILE B 22 8.27 3.12 -2.69
N ILE B 23 6.95 3.09 -2.54
CA ILE B 23 6.09 2.57 -3.60
C ILE B 23 6.32 3.36 -4.90
N SER B 24 6.39 4.68 -4.80
CA SER B 24 6.61 5.53 -5.98
C SER B 24 7.92 5.20 -6.68
N ARG B 25 8.92 4.83 -5.89
CA ARG B 25 10.23 4.48 -6.39
C ARG B 25 10.09 3.31 -7.38
N PHE B 26 9.25 2.35 -7.01
CA PHE B 26 9.01 1.19 -7.87
C PHE B 26 8.16 1.55 -9.10
N GLU B 27 7.05 2.23 -8.87
CA GLU B 27 6.14 2.62 -9.95
C GLU B 27 6.83 3.44 -11.01
N GLU B 28 7.64 4.40 -10.59
CA GLU B 28 8.35 5.25 -11.52
C GLU B 28 9.43 4.52 -12.33
N LYS B 29 9.80 3.32 -11.90
CA LYS B 29 10.77 2.54 -12.64
C LYS B 29 10.14 1.36 -13.37
N GLY B 30 8.82 1.36 -13.48
CA GLY B 30 8.12 0.29 -14.17
C GLY B 30 7.81 -0.97 -13.39
N LEU B 31 7.99 -0.96 -12.07
CA LEU B 31 7.68 -2.13 -11.26
C LEU B 31 6.29 -1.88 -10.67
N LYS B 32 5.32 -2.57 -11.24
CA LYS B 32 3.93 -2.43 -10.86
C LYS B 32 3.49 -3.21 -9.62
N PRO B 33 2.93 -2.53 -8.62
CA PRO B 33 2.49 -3.23 -7.40
C PRO B 33 1.18 -3.94 -7.75
N VAL B 34 1.23 -5.27 -7.81
CA VAL B 34 0.05 -6.06 -8.14
C VAL B 34 -0.61 -6.76 -6.94
N ALA B 35 -0.03 -6.56 -5.77
CA ALA B 35 -0.54 -7.12 -4.52
C ALA B 35 0.09 -6.31 -3.41
N ILE B 36 -0.71 -5.90 -2.42
CA ILE B 36 -0.23 -5.11 -1.30
C ILE B 36 -1.04 -5.46 -0.06
N ARG B 37 -0.38 -5.63 1.08
CA ARG B 37 -1.08 -5.92 2.32
C ARG B 37 -0.24 -5.53 3.52
N LEU B 38 -0.79 -4.68 4.37
CA LEU B 38 -0.09 -4.28 5.59
C LEU B 38 -0.38 -5.42 6.58
N GLN B 39 0.66 -5.92 7.24
CA GLN B 39 0.48 -7.03 8.17
C GLN B 39 1.52 -6.99 9.28
N HIS B 40 1.16 -7.53 10.44
CA HIS B 40 2.11 -7.60 11.54
C HIS B 40 2.44 -9.08 11.65
N LEU B 41 3.68 -9.43 11.33
CA LEU B 41 4.11 -10.83 11.38
C LEU B 41 4.32 -11.36 12.78
N SER B 42 4.01 -12.63 12.96
CA SER B 42 4.22 -13.31 14.23
C SER B 42 5.62 -13.90 14.10
N GLN B 43 6.19 -14.37 15.21
CA GLN B 43 7.53 -14.94 15.16
C GLN B 43 7.59 -16.16 14.26
N ALA B 44 6.57 -17.00 14.32
CA ALA B 44 6.53 -18.20 13.48
C ALA B 44 6.49 -17.84 12.00
N GLN B 45 5.78 -16.78 11.65
CA GLN B 45 5.71 -16.35 10.26
C GLN B 45 7.08 -15.83 9.80
N ALA B 46 7.74 -15.04 10.64
CA ALA B 46 9.04 -14.50 10.29
C ALA B 46 10.09 -15.60 10.18
N GLU B 47 10.08 -16.53 11.12
CA GLU B 47 11.03 -17.64 11.12
C GLU B 47 10.81 -18.52 9.88
N GLY B 48 9.56 -18.83 9.58
CA GLY B 48 9.27 -19.66 8.41
C GLY B 48 9.71 -18.96 7.14
N PHE B 49 9.47 -17.65 7.07
CA PHE B 49 9.83 -16.87 5.90
C PHE B 49 11.33 -16.85 5.64
N TYR B 50 12.12 -16.67 6.69
CA TYR B 50 13.57 -16.60 6.57
C TYR B 50 14.27 -17.93 6.85
N ALA B 51 13.53 -19.03 6.70
CA ALA B 51 14.06 -20.37 6.96
C ALA B 51 15.43 -20.62 6.34
N VAL B 52 15.62 -20.17 5.11
CA VAL B 52 16.90 -20.36 4.43
C VAL B 52 18.09 -19.69 5.14
N HIS B 53 17.80 -18.81 6.10
CA HIS B 53 18.85 -18.13 6.84
C HIS B 53 18.96 -18.66 8.27
N LYS B 54 18.24 -19.73 8.58
CA LYS B 54 18.23 -20.30 9.93
C LYS B 54 19.60 -20.52 10.57
N ALA B 55 20.60 -20.84 9.75
CA ALA B 55 21.94 -21.11 10.27
C ALA B 55 22.83 -19.85 10.35
N ARG B 56 22.40 -18.80 9.66
CA ARG B 56 23.17 -17.56 9.64
C ARG B 56 23.09 -16.81 10.98
N PRO B 57 24.22 -16.20 11.39
CA PRO B 57 24.31 -15.44 12.64
C PRO B 57 23.33 -14.29 12.86
N PHE B 58 22.88 -13.66 11.77
CA PHE B 58 21.95 -12.54 11.89
C PHE B 58 20.47 -12.95 12.02
N PHE B 59 20.19 -14.24 11.83
CA PHE B 59 18.82 -14.76 11.90
C PHE B 59 17.98 -14.26 13.07
N LYS B 60 18.40 -14.58 14.29
CA LYS B 60 17.64 -14.18 15.49
C LYS B 60 17.27 -12.69 15.49
N ASP B 61 18.24 -11.84 15.16
CA ASP B 61 18.02 -10.41 15.14
C ASP B 61 17.02 -10.02 14.06
N LEU B 62 17.22 -10.57 12.87
CA LEU B 62 16.36 -10.30 11.72
C LEU B 62 14.91 -10.60 12.09
N VAL B 63 14.69 -11.75 12.70
CA VAL B 63 13.37 -12.18 13.11
C VAL B 63 12.76 -11.18 14.10
N GLN B 64 13.53 -10.79 15.11
CA GLN B 64 13.04 -9.84 16.11
C GLN B 64 12.69 -8.50 15.51
N PHE B 65 13.53 -8.00 14.63
CA PHE B 65 13.28 -6.72 13.97
C PHE B 65 12.03 -6.82 13.10
N MET B 66 11.92 -7.91 12.33
CA MET B 66 10.79 -8.09 11.44
C MET B 66 9.42 -8.22 12.13
N ILE B 67 9.41 -8.55 13.43
CA ILE B 67 8.16 -8.68 14.14
C ILE B 67 7.97 -7.53 15.15
N SER B 68 8.90 -6.58 15.17
CA SER B 68 8.83 -5.45 16.10
C SER B 68 7.67 -4.50 15.81
N GLY B 69 7.18 -4.55 14.57
CA GLY B 69 6.08 -3.71 14.17
C GLY B 69 5.49 -4.23 12.87
N PRO B 70 4.45 -3.57 12.35
CA PRO B 70 3.86 -4.06 11.09
C PRO B 70 4.76 -3.77 9.88
N VAL B 71 4.53 -4.52 8.81
CA VAL B 71 5.27 -4.38 7.56
C VAL B 71 4.27 -4.30 6.40
N VAL B 72 4.74 -3.86 5.25
CA VAL B 72 3.88 -3.81 4.07
C VAL B 72 4.42 -4.85 3.07
N LEU B 73 3.62 -5.87 2.81
CA LEU B 73 3.97 -6.95 1.89
C LEU B 73 3.50 -6.53 0.50
N MET B 74 4.34 -6.74 -0.51
CA MET B 74 3.99 -6.38 -1.87
C MET B 74 4.55 -7.32 -2.93
N VAL B 75 3.81 -7.46 -4.03
CA VAL B 75 4.26 -8.28 -5.15
C VAL B 75 4.41 -7.26 -6.28
N LEU B 76 5.63 -7.15 -6.80
CA LEU B 76 5.93 -6.23 -7.88
C LEU B 76 6.04 -6.99 -9.18
N GLU B 77 5.40 -6.47 -10.22
CA GLU B 77 5.41 -7.11 -11.52
C GLU B 77 6.05 -6.17 -12.54
N GLY B 78 6.97 -6.70 -13.34
CA GLY B 78 7.61 -5.88 -14.35
C GLY B 78 8.76 -6.58 -15.04
N GLU B 79 9.30 -5.93 -16.07
CA GLU B 79 10.41 -6.49 -16.82
C GLU B 79 11.61 -6.69 -15.89
N ASN B 80 12.13 -7.91 -15.86
CA ASN B 80 13.30 -8.25 -15.04
C ASN B 80 13.14 -7.78 -13.58
N ALA B 81 11.92 -7.91 -13.06
CA ALA B 81 11.58 -7.47 -11.71
C ALA B 81 12.47 -7.92 -10.57
N VAL B 82 12.87 -9.19 -10.56
CA VAL B 82 13.71 -9.69 -9.47
C VAL B 82 15.00 -8.88 -9.35
N LEU B 83 15.72 -8.70 -10.46
CA LEU B 83 16.95 -7.93 -10.44
C LEU B 83 16.67 -6.45 -10.30
N ALA B 84 15.70 -5.95 -11.07
CA ALA B 84 15.35 -4.54 -11.04
C ALA B 84 15.02 -4.04 -9.63
N ASN B 85 14.21 -4.82 -8.93
CA ASN B 85 13.80 -4.53 -7.55
C ASN B 85 15.04 -4.42 -6.66
N ARG B 86 15.93 -5.41 -6.75
CA ARG B 86 17.15 -5.43 -5.96
C ARG B 86 18.05 -4.24 -6.24
N ASP B 87 18.11 -3.82 -7.50
CA ASP B 87 18.93 -2.66 -7.87
C ASP B 87 18.39 -1.40 -7.20
N ILE B 88 17.09 -1.18 -7.32
CA ILE B 88 16.40 -0.04 -6.73
C ILE B 88 16.56 -0.01 -5.20
N MET B 89 16.54 -1.18 -4.57
CA MET B 89 16.70 -1.25 -3.12
C MET B 89 18.08 -0.75 -2.71
N GLY B 90 19.12 -1.20 -3.42
CA GLY B 90 20.48 -0.81 -3.11
C GLY B 90 21.17 -1.83 -2.24
N ALA B 91 22.46 -1.63 -1.97
CA ALA B 91 23.24 -2.54 -1.15
C ALA B 91 22.66 -2.73 0.24
N THR B 92 22.81 -3.95 0.78
CA THR B 92 22.30 -4.29 2.10
C THR B 92 22.80 -3.26 3.10
N ASN B 93 24.11 -3.00 3.04
CA ASN B 93 24.74 -2.03 3.92
C ASN B 93 24.47 -0.65 3.33
N PRO B 94 23.68 0.17 4.03
CA PRO B 94 23.33 1.53 3.58
C PRO B 94 24.58 2.37 3.35
N ALA B 95 25.62 2.10 4.14
CA ALA B 95 26.88 2.82 4.03
C ALA B 95 27.46 2.79 2.61
N GLN B 96 27.27 1.67 1.93
CA GLN B 96 27.76 1.52 0.57
C GLN B 96 26.68 1.45 -0.50
N ALA B 97 25.46 1.83 -0.14
CA ALA B 97 24.35 1.81 -1.09
C ALA B 97 24.50 2.96 -2.09
N ALA B 98 24.14 2.69 -3.35
CA ALA B 98 24.23 3.70 -4.42
C ALA B 98 23.28 4.88 -4.23
N GLU B 99 23.57 5.96 -4.92
CA GLU B 99 22.75 7.16 -4.83
C GLU B 99 21.42 6.92 -5.52
N GLY B 100 20.36 7.40 -4.89
CA GLY B 100 19.01 7.23 -5.45
C GLY B 100 18.35 5.91 -5.06
N THR B 101 19.08 5.02 -4.40
CA THR B 101 18.47 3.77 -4.02
C THR B 101 17.66 3.99 -2.73
N ILE B 102 16.73 3.08 -2.47
CA ILE B 102 15.88 3.17 -1.29
C ILE B 102 16.68 3.13 0.01
N ARG B 103 17.63 2.20 0.10
CA ARG B 103 18.44 2.07 1.29
C ARG B 103 19.35 3.26 1.57
N LYS B 104 19.93 3.85 0.54
CA LYS B 104 20.80 5.00 0.75
C LYS B 104 19.95 6.15 1.30
N ASP B 105 18.76 6.32 0.73
CA ASP B 105 17.86 7.40 1.15
C ASP B 105 17.15 7.21 2.47
N PHE B 106 16.75 5.99 2.78
CA PHE B 106 15.99 5.73 4.00
C PHE B 106 16.53 4.79 5.06
N ALA B 107 17.41 3.87 4.68
CA ALA B 107 17.94 2.93 5.65
C ALA B 107 18.84 3.59 6.67
N THR B 108 18.79 3.12 7.90
CA THR B 108 19.60 3.67 8.97
C THR B 108 20.82 2.80 9.25
N SER B 109 20.64 1.48 9.16
CA SER B 109 21.73 0.54 9.40
C SER B 109 21.53 -0.74 8.63
N ILE B 110 22.53 -1.61 8.64
CA ILE B 110 22.48 -2.90 7.95
C ILE B 110 21.32 -3.74 8.45
N ASP B 111 21.09 -3.71 9.78
CA ASP B 111 20.04 -4.50 10.41
C ASP B 111 18.64 -3.90 10.29
N LYS B 112 18.55 -2.61 10.03
CA LYS B 112 17.27 -1.94 9.85
C LYS B 112 17.39 -1.25 8.50
N ASN B 113 17.35 -2.05 7.45
CA ASN B 113 17.52 -1.52 6.11
C ASN B 113 16.28 -1.30 5.24
N THR B 114 15.17 -1.01 5.89
CA THR B 114 13.93 -0.64 5.21
C THR B 114 13.17 -1.56 4.25
N VAL B 115 13.88 -2.32 3.42
CA VAL B 115 13.21 -3.18 2.45
C VAL B 115 13.84 -4.55 2.27
N HIS B 116 13.01 -5.47 1.78
CA HIS B 116 13.43 -6.82 1.46
C HIS B 116 12.97 -7.02 0.03
N GLY B 117 13.74 -7.82 -0.71
CA GLY B 117 13.39 -8.12 -2.09
C GLY B 117 13.85 -9.56 -2.31
N SER B 118 13.08 -10.34 -3.06
CA SER B 118 13.44 -11.73 -3.33
C SER B 118 14.77 -11.72 -4.08
N ASP B 119 15.72 -12.57 -3.66
CA ASP B 119 17.03 -12.59 -4.32
C ASP B 119 17.10 -13.31 -5.67
N SER B 120 16.13 -14.17 -5.95
CA SER B 120 16.12 -14.92 -7.21
C SER B 120 14.69 -15.26 -7.61
N LEU B 121 14.47 -15.60 -8.87
CA LEU B 121 13.16 -15.97 -9.37
C LEU B 121 12.56 -17.16 -8.60
N GLU B 122 13.36 -18.21 -8.40
CA GLU B 122 12.90 -19.41 -7.69
C GLU B 122 12.47 -19.07 -6.28
N ASN B 123 13.28 -18.27 -5.61
CA ASN B 123 12.90 -17.88 -4.25
C ASN B 123 11.71 -16.91 -4.26
N ALA B 124 11.57 -16.17 -5.34
CA ALA B 124 10.47 -15.22 -5.48
C ALA B 124 9.15 -15.97 -5.47
N LYS B 125 9.08 -17.04 -6.24
CA LYS B 125 7.88 -17.85 -6.32
C LYS B 125 7.47 -18.39 -4.96
N ILE B 126 8.47 -18.79 -4.17
CA ILE B 126 8.22 -19.33 -2.85
C ILE B 126 7.78 -18.23 -1.87
N GLU B 127 8.46 -17.09 -1.89
CA GLU B 127 8.14 -15.97 -1.01
C GLU B 127 6.75 -15.40 -1.27
N ILE B 128 6.38 -15.34 -2.55
CA ILE B 128 5.08 -14.83 -2.96
C ILE B 128 3.96 -15.76 -2.45
N ALA B 129 4.13 -17.05 -2.70
CA ALA B 129 3.15 -18.05 -2.28
C ALA B 129 3.03 -18.12 -0.76
N TYR B 130 4.10 -17.72 -0.06
CA TYR B 130 4.08 -17.73 1.39
C TYR B 130 3.12 -16.68 1.93
N PHE B 131 3.05 -15.52 1.30
CA PHE B 131 2.19 -14.44 1.79
C PHE B 131 0.96 -14.10 0.97
N PHE B 132 0.85 -14.61 -0.25
CA PHE B 132 -0.28 -14.28 -1.09
C PHE B 132 -0.91 -15.46 -1.81
N ARG B 133 -2.25 -15.43 -1.88
CA ARG B 133 -3.01 -16.44 -2.61
C ARG B 133 -2.92 -15.88 -4.02
N GLU B 134 -3.01 -16.72 -5.04
CA GLU B 134 -2.97 -16.20 -6.41
C GLU B 134 -4.14 -15.23 -6.62
N THR B 135 -5.26 -15.49 -5.93
CA THR B 135 -6.44 -14.65 -6.03
C THR B 135 -6.30 -13.29 -5.34
N GLU B 136 -5.15 -13.06 -4.71
CA GLU B 136 -4.89 -11.79 -4.03
C GLU B 136 -3.95 -10.93 -4.88
N ILE B 137 -3.51 -11.45 -6.03
CA ILE B 137 -2.61 -10.76 -6.93
C ILE B 137 -3.39 -10.31 -8.17
N HIS B 138 -3.34 -9.03 -8.48
CA HIS B 138 -4.10 -8.51 -9.60
C HIS B 138 -3.35 -7.57 -10.51
N SER B 139 -3.09 -8.02 -11.73
CA SER B 139 -2.42 -7.20 -12.71
C SER B 139 -3.48 -6.26 -13.30
N TYR B 140 -3.03 -5.12 -13.79
CA TYR B 140 -3.93 -4.12 -14.39
C TYR B 140 -3.10 -3.36 -15.41
N PRO B 141 -3.76 -2.78 -16.43
CA PRO B 141 -2.93 -2.05 -17.40
C PRO B 141 -2.68 -0.60 -17.00
N TYR B 142 -1.54 -0.07 -17.41
CA TYR B 142 -1.23 1.33 -17.13
C TYR B 142 -1.83 2.16 -18.27
N GLN B 143 -2.14 3.41 -17.97
CA GLN B 143 -2.75 4.37 -18.91
C GLN B 143 -2.53 4.03 -20.39
#